data_6SWZ
#
_entry.id   6SWZ
#
_cell.length_a   48.000
_cell.length_b   57.670
_cell.length_c   83.400
_cell.angle_alpha   90.000
_cell.angle_beta   90.000
_cell.angle_gamma   90.000
#
_symmetry.space_group_name_H-M   'P 21 21 21'
#
loop_
_entity.id
_entity.type
_entity.pdbx_description
1 polymer 'Protein PS1'
2 non-polymer GLYCEROL
3 water water
#
_entity_poly.entity_id   1
_entity_poly.type   'polypeptide(L)'
_entity_poly.pdbx_seq_one_letter_code
;SGSTLEMGTCLTNEYDVTGGKAQDFANGRAYWSANTGAFGLVGRINARYSELGGPASWLGYPTSSELKTPDGRGRFVTFE
HGSIYWTATTGPWEIPGDMLAAWGTQDYEKGSLGYPTGAAVEYNGGLRQQFEGGYVFRTSNNQSYWVRGEISKKYAEDGI
FAQLGFPTGNEKLINGGAFQEFEKGNIYWSASTGAHVILHGDIFDAWGAKGWEQGEYGFPTSDQTAITAGGQTIDFQNGT
IRQVNGRIEESRHHHHHH
;
_entity_poly.pdbx_strand_id   AAA
#
loop_
_chem_comp.id
_chem_comp.type
_chem_comp.name
_chem_comp.formula
GOL non-polymer GLYCEROL 'C3 H8 O3'
#
# COMPACT_ATOMS: atom_id res chain seq x y z
N GLY A 37 11.17 12.74 30.83
CA GLY A 37 12.09 13.67 30.12
C GLY A 37 11.33 14.86 29.57
N ALA A 38 11.79 16.08 29.88
CA ALA A 38 11.19 17.36 29.43
C ALA A 38 11.69 17.67 28.01
N PHE A 39 10.76 17.98 27.09
CA PHE A 39 11.02 18.46 25.70
C PHE A 39 10.01 19.57 25.34
N GLY A 40 10.51 20.66 24.77
CA GLY A 40 9.70 21.81 24.28
C GLY A 40 9.76 21.89 22.77
N LEU A 41 8.60 21.77 22.11
CA LEU A 41 8.47 21.66 20.64
C LEU A 41 8.16 23.03 20.05
N VAL A 42 8.34 23.18 18.73
CA VAL A 42 8.17 24.47 17.99
C VAL A 42 7.35 24.24 16.71
N GLY A 43 6.89 25.38 16.14
CA GLY A 43 6.36 25.53 14.78
C GLY A 43 5.21 24.60 14.49
N ARG A 44 5.11 24.12 13.26
CA ARG A 44 3.88 23.45 12.77
C ARG A 44 3.77 22.05 13.39
N ILE A 45 4.87 21.44 13.81
CA ILE A 45 4.85 20.10 14.47
C ILE A 45 4.22 20.23 15.85
N ASN A 46 4.64 21.24 16.61
CA ASN A 46 4.03 21.52 17.94
C ASN A 46 2.54 21.81 17.73
N ALA A 47 2.22 22.63 16.73
CA ALA A 47 0.84 22.93 16.30
C ALA A 47 0.07 21.61 16.15
N ARG A 48 0.58 20.68 15.35
CA ARG A 48 -0.14 19.40 15.05
C ARG A 48 -0.29 18.58 16.33
N TYR A 49 0.71 18.61 17.21
CA TYR A 49 0.73 17.83 18.47
C TYR A 49 -0.44 18.33 19.31
N SER A 50 -0.54 19.65 19.40
CA SER A 50 -1.61 20.33 20.15
C SER A 50 -2.97 19.91 19.58
N GLU A 51 -3.10 19.92 18.25
CA GLU A 51 -4.36 19.53 17.57
C GLU A 51 -4.75 18.12 17.99
N LEU A 52 -3.79 17.26 18.31
CA LEU A 52 -4.08 15.83 18.63
C LEU A 52 -4.35 15.66 20.12
N GLY A 53 -4.15 16.69 20.92
CA GLY A 53 -4.39 16.65 22.38
C GLY A 53 -3.09 16.53 23.16
N GLY A 54 -1.95 16.79 22.52
CA GLY A 54 -0.60 16.66 23.13
C GLY A 54 -0.37 15.31 23.81
N PRO A 55 0.27 15.30 24.99
CA PRO A 55 0.57 14.07 25.72
C PRO A 55 -0.61 13.11 25.97
N ALA A 56 -1.82 13.66 26.06
CA ALA A 56 -3.04 12.86 26.28
C ALA A 56 -3.36 12.05 25.02
N SER A 57 -2.80 12.42 23.87
CA SER A 57 -3.04 11.71 22.59
C SER A 57 -2.38 10.33 22.64
N TRP A 58 -2.67 9.47 21.66
CA TRP A 58 -2.05 8.13 21.51
C TRP A 58 -0.53 8.26 21.35
N LEU A 59 -0.02 9.39 20.87
CA LEU A 59 1.44 9.58 20.68
C LEU A 59 2.20 9.45 22.03
N GLY A 60 1.57 9.80 23.15
CA GLY A 60 2.26 10.01 24.45
C GLY A 60 3.19 11.21 24.36
N TYR A 61 4.17 11.31 25.26
CA TYR A 61 5.12 12.45 25.37
C TYR A 61 6.14 12.42 24.24
N PRO A 62 6.75 13.58 23.95
CA PRO A 62 7.87 13.65 23.02
C PRO A 62 9.09 12.95 23.64
N THR A 63 9.92 12.34 22.80
CA THR A 63 11.16 11.63 23.18
C THR A 63 12.33 12.27 22.46
N SER A 64 12.07 13.33 21.69
CA SER A 64 13.11 14.14 21.02
C SER A 64 12.64 15.59 20.95
N SER A 65 13.55 16.51 20.68
CA SER A 65 13.21 17.86 20.18
C SER A 65 13.14 17.73 18.65
N GLU A 66 12.88 18.84 17.93
CA GLU A 66 12.68 18.82 16.46
C GLU A 66 14.00 18.47 15.79
N LEU A 67 13.97 17.48 14.91
CA LEU A 67 15.20 16.94 14.26
C LEU A 67 15.05 17.21 12.77
N LYS A 68 16.18 17.35 12.07
CA LYS A 68 16.16 17.52 10.60
C LYS A 68 16.15 16.13 9.97
N THR A 69 15.42 15.91 8.90
CA THR A 69 15.51 14.63 8.16
C THR A 69 16.82 14.61 7.39
N PRO A 70 17.37 13.40 7.13
CA PRO A 70 18.57 13.24 6.32
C PRO A 70 18.60 14.11 5.05
N ASP A 71 17.48 14.21 4.32
CA ASP A 71 17.42 14.81 2.94
C ASP A 71 17.38 16.34 3.01
N GLY A 72 17.51 16.93 4.19
CA GLY A 72 17.59 18.39 4.38
C GLY A 72 16.34 19.12 3.94
N ARG A 73 15.23 18.42 3.69
CA ARG A 73 13.94 19.04 3.27
C ARG A 73 13.00 19.10 4.48
N GLY A 74 13.00 18.11 5.36
CA GLY A 74 11.94 17.94 6.36
C GLY A 74 12.42 18.14 7.79
N ARG A 75 11.48 18.01 8.72
CA ARG A 75 11.72 18.03 10.17
C ARG A 75 10.89 16.90 10.76
N PHE A 76 11.28 16.35 11.91
CA PHE A 76 10.42 15.37 12.60
C PHE A 76 10.66 15.44 14.09
N VAL A 77 9.74 14.87 14.83
CA VAL A 77 9.83 14.70 16.30
C VAL A 77 9.34 13.30 16.59
N THR A 78 10.02 12.61 17.49
CA THR A 78 9.67 11.25 17.94
C THR A 78 8.91 11.40 19.25
N PHE A 79 8.00 10.47 19.50
CA PHE A 79 7.10 10.44 20.67
C PHE A 79 7.08 9.01 21.15
N GLU A 80 6.51 8.74 22.31
CA GLU A 80 6.47 7.37 22.85
C GLU A 80 5.91 6.42 21.78
N HIS A 81 4.79 6.73 21.14
CA HIS A 81 4.10 5.73 20.26
C HIS A 81 4.09 6.15 18.78
N GLY A 82 4.99 7.01 18.35
CA GLY A 82 5.09 7.30 16.91
C GLY A 82 5.84 8.58 16.69
N SER A 83 5.72 9.15 15.50
CA SER A 83 6.48 10.36 15.09
C SER A 83 5.57 11.31 14.33
N ILE A 84 5.97 12.59 14.29
CA ILE A 84 5.35 13.60 13.40
C ILE A 84 6.42 14.07 12.43
N TYR A 85 6.10 14.06 11.15
CA TYR A 85 6.97 14.55 10.05
C TYR A 85 6.31 15.79 9.45
N TRP A 86 7.14 16.65 8.87
CA TRP A 86 6.74 17.95 8.30
C TRP A 86 7.67 18.29 7.14
N THR A 87 7.09 18.77 6.05
CA THR A 87 7.80 19.63 5.09
C THR A 87 6.92 20.84 4.84
N ALA A 88 7.56 21.91 4.39
CA ALA A 88 6.94 23.20 4.02
C ALA A 88 5.75 22.90 3.08
N THR A 89 5.85 21.90 2.20
CA THR A 89 4.85 21.66 1.12
C THR A 89 3.92 20.48 1.43
N THR A 90 4.12 19.72 2.51
CA THR A 90 3.25 18.56 2.86
C THR A 90 2.55 18.78 4.20
N GLY A 91 3.08 19.64 5.07
CA GLY A 91 2.47 19.87 6.38
C GLY A 91 2.82 18.79 7.39
N PRO A 92 2.40 18.96 8.66
CA PRO A 92 2.82 18.11 9.76
C PRO A 92 1.82 16.98 9.98
N TRP A 93 2.30 15.75 10.01
CA TRP A 93 1.45 14.54 10.12
C TRP A 93 2.10 13.53 11.07
N GLU A 94 1.30 13.06 12.02
CA GLU A 94 1.62 11.93 12.92
C GLU A 94 1.48 10.61 12.15
N ILE A 95 2.38 9.69 12.47
CA ILE A 95 2.42 8.29 11.97
C ILE A 95 2.55 7.38 13.18
N PRO A 96 1.60 6.45 13.38
CA PRO A 96 1.70 5.46 14.46
C PRO A 96 2.95 4.60 14.28
N GLY A 97 3.48 4.07 15.39
CA GLY A 97 4.75 3.33 15.47
C GLY A 97 4.81 2.15 14.50
N ASP A 98 3.75 1.38 14.38
CA ASP A 98 3.81 0.17 13.51
C ASP A 98 3.91 0.60 12.05
N MET A 99 3.11 1.58 11.64
CA MET A 99 3.09 2.11 10.26
C MET A 99 4.39 2.89 9.98
N LEU A 100 4.95 3.53 11.00
CA LEU A 100 6.28 4.17 10.93
C LEU A 100 7.38 3.12 10.63
N ALA A 101 7.36 1.99 11.33
CA ALA A 101 8.28 0.86 11.03
C ALA A 101 8.09 0.38 9.58
N ALA A 102 6.85 0.16 9.13
CA ALA A 102 6.55 -0.34 7.76
C ALA A 102 7.08 0.67 6.73
N TRP A 103 6.88 1.95 6.99
CA TRP A 103 7.40 3.06 6.13
C TRP A 103 8.93 2.94 6.04
N GLY A 104 9.55 2.57 7.17
CA GLY A 104 10.99 2.31 7.36
C GLY A 104 11.53 1.23 6.45
N THR A 105 10.74 0.20 6.11
CA THR A 105 11.22 -0.93 5.27
C THR A 105 11.52 -0.45 3.85
N GLN A 106 10.99 0.68 3.38
CA GLN A 106 11.47 1.26 2.09
C GLN A 106 12.24 2.57 2.36
N ASP A 107 12.66 2.76 3.60
CA ASP A 107 13.59 3.84 4.05
C ASP A 107 12.85 5.18 4.19
N TYR A 108 11.65 5.13 4.75
CA TYR A 108 10.94 6.34 5.21
C TYR A 108 10.86 7.36 4.06
N GLU A 109 11.09 8.64 4.38
CA GLU A 109 10.94 9.77 3.43
C GLU A 109 11.99 9.66 2.33
N LYS A 110 13.08 8.93 2.52
CA LYS A 110 14.14 8.79 1.51
C LYS A 110 13.66 7.84 0.41
N GLY A 111 12.67 6.98 0.70
CA GLY A 111 12.11 6.04 -0.29
C GLY A 111 11.09 6.74 -1.17
N SER A 112 10.57 6.05 -2.20
CA SER A 112 9.61 6.60 -3.18
C SER A 112 8.27 6.97 -2.50
N LEU A 113 7.95 6.42 -1.32
CA LEU A 113 6.74 6.86 -0.58
C LEU A 113 6.84 8.35 -0.16
N GLY A 114 8.05 8.88 0.01
CA GLY A 114 8.24 10.27 0.50
C GLY A 114 7.52 10.49 1.82
N TYR A 115 6.96 11.68 1.99
CA TYR A 115 6.39 12.18 3.25
C TYR A 115 4.90 11.87 3.36
N PRO A 116 4.36 11.77 4.58
CA PRO A 116 2.93 11.60 4.77
C PRO A 116 2.29 12.92 4.31
N THR A 117 1.09 12.83 3.74
CA THR A 117 0.28 13.96 3.20
C THR A 117 -1.10 13.94 3.86
N GLY A 118 -1.32 13.10 4.85
CA GLY A 118 -2.59 13.07 5.59
C GLY A 118 -2.42 12.23 6.82
N ALA A 119 -3.50 12.10 7.60
CA ALA A 119 -3.57 11.30 8.83
C ALA A 119 -3.87 9.84 8.50
N ALA A 120 -3.48 8.97 9.42
CA ALA A 120 -3.87 7.55 9.45
C ALA A 120 -5.32 7.48 9.93
N VAL A 121 -6.25 7.09 9.07
CA VAL A 121 -7.70 7.15 9.39
C VAL A 121 -8.30 5.73 9.33
N GLU A 122 -9.39 5.50 10.08
CA GLU A 122 -10.02 4.16 10.16
C GLU A 122 -10.35 3.72 8.73
N TYR A 123 -10.00 2.50 8.37
CA TYR A 123 -10.15 1.99 6.99
C TYR A 123 -10.39 0.50 7.07
N ASN A 124 -11.64 0.07 6.96
CA ASN A 124 -12.00 -1.37 6.88
C ASN A 124 -11.44 -2.13 8.09
N GLY A 125 -11.55 -1.56 9.29
CA GLY A 125 -11.11 -2.21 10.53
C GLY A 125 -9.62 -2.08 10.74
N GLY A 126 -8.93 -1.32 9.88
CA GLY A 126 -7.53 -0.96 10.06
C GLY A 126 -7.35 0.54 9.95
N LEU A 127 -6.17 0.98 9.49
CA LEU A 127 -5.83 2.40 9.21
C LEU A 127 -5.24 2.48 7.81
N ARG A 128 -5.51 3.60 7.12
CA ARG A 128 -4.87 3.95 5.83
C ARG A 128 -4.30 5.35 6.00
N GLN A 129 -3.07 5.57 5.57
CA GLN A 129 -2.41 6.90 5.61
C GLN A 129 -1.79 7.15 4.24
N GLN A 130 -2.09 8.30 3.69
CA GLN A 130 -1.56 8.71 2.39
C GLN A 130 -0.19 9.37 2.54
N PHE A 131 0.67 9.02 1.59
CA PHE A 131 2.04 9.54 1.48
C PHE A 131 2.14 10.11 0.05
N GLU A 132 3.13 10.95 -0.20
CA GLU A 132 3.35 11.53 -1.55
C GLU A 132 3.38 10.44 -2.63
N GLY A 133 3.93 9.25 -2.33
CA GLY A 133 4.23 8.23 -3.34
C GLY A 133 3.37 6.99 -3.16
N GLY A 134 2.35 7.03 -2.31
CA GLY A 134 1.47 5.87 -2.12
C GLY A 134 0.77 5.93 -0.77
N TYR A 135 0.59 4.77 -0.15
CA TYR A 135 -0.16 4.57 1.11
C TYR A 135 0.56 3.56 2.01
N VAL A 136 0.32 3.75 3.29
CA VAL A 136 0.75 2.83 4.38
C VAL A 136 -0.52 2.41 5.12
N PHE A 137 -0.60 1.14 5.47
CA PHE A 137 -1.80 0.52 6.07
C PHE A 137 -1.42 -0.12 7.39
N ARG A 138 -2.27 0.03 8.40
CA ARG A 138 -2.47 -1.01 9.43
C ARG A 138 -3.59 -1.92 8.91
N THR A 139 -3.32 -3.21 8.88
CA THR A 139 -4.28 -4.23 8.40
C THR A 139 -5.22 -4.57 9.56
N SER A 140 -6.31 -5.29 9.29
CA SER A 140 -7.29 -5.73 10.33
C SER A 140 -6.64 -6.83 11.17
N ASN A 141 -5.59 -7.50 10.66
CA ASN A 141 -4.79 -8.50 11.43
C ASN A 141 -3.58 -7.85 12.12
N ASN A 142 -3.62 -6.53 12.34
N ASN A 142 -3.60 -6.53 12.31
CA ASN A 142 -2.63 -5.74 13.12
CA ASN A 142 -2.62 -5.75 13.12
C ASN A 142 -1.20 -5.92 12.58
C ASN A 142 -1.20 -5.92 12.58
N GLN A 143 -1.05 -6.01 11.26
CA GLN A 143 0.25 -5.99 10.57
C GLN A 143 0.31 -4.67 9.79
N SER A 144 1.43 -4.34 9.20
CA SER A 144 1.57 -3.04 8.54
C SER A 144 2.36 -3.22 7.26
N TYR A 145 1.87 -2.67 6.16
CA TYR A 145 2.48 -2.80 4.82
C TYR A 145 2.28 -1.50 4.07
N TRP A 146 3.09 -1.25 3.07
CA TRP A 146 2.92 -0.07 2.20
C TRP A 146 2.51 -0.51 0.79
N VAL A 147 1.89 0.41 0.05
CA VAL A 147 1.62 0.24 -1.39
C VAL A 147 2.14 1.50 -2.07
N ARG A 148 2.69 1.40 -3.27
CA ARG A 148 3.34 2.57 -3.92
C ARG A 148 3.10 2.61 -5.42
N GLY A 149 3.46 3.73 -6.03
CA GLY A 149 3.41 3.92 -7.50
C GLY A 149 2.06 3.56 -8.12
N GLU A 150 2.09 2.90 -9.27
CA GLU A 150 0.93 2.54 -10.11
C GLU A 150 0.08 1.48 -9.41
N ILE A 151 0.70 0.59 -8.65
CA ILE A 151 -0.06 -0.45 -7.90
C ILE A 151 -0.91 0.25 -6.84
N SER A 152 -0.35 1.23 -6.10
CA SER A 152 -1.11 2.09 -5.15
C SER A 152 -2.35 2.68 -5.83
N LYS A 153 -2.16 3.30 -6.98
CA LYS A 153 -3.23 3.99 -7.72
C LYS A 153 -4.34 2.99 -8.04
N LYS A 154 -3.99 1.81 -8.53
CA LYS A 154 -5.01 0.77 -8.81
C LYS A 154 -5.69 0.36 -7.51
N TYR A 155 -4.92 0.11 -6.46
CA TYR A 155 -5.47 -0.39 -5.18
C TYR A 155 -6.48 0.62 -4.59
N ALA A 156 -6.30 1.92 -4.87
CA ALA A 156 -7.12 3.01 -4.31
C ALA A 156 -8.45 3.20 -5.08
N GLU A 157 -8.61 2.62 -6.27
CA GLU A 157 -9.84 2.68 -7.07
C GLU A 157 -11.00 2.04 -6.31
N ASP A 158 -12.19 2.61 -6.47
CA ASP A 158 -13.41 2.12 -5.79
C ASP A 158 -13.67 0.69 -6.25
N GLY A 159 -13.96 -0.19 -5.31
CA GLY A 159 -14.34 -1.60 -5.57
C GLY A 159 -13.14 -2.52 -5.42
N ILE A 160 -11.90 -1.98 -5.44
CA ILE A 160 -10.69 -2.85 -5.53
C ILE A 160 -10.43 -3.43 -4.14
N PHE A 161 -10.53 -2.63 -3.08
CA PHE A 161 -10.32 -3.21 -1.72
C PHE A 161 -11.32 -4.35 -1.49
N ALA A 162 -12.59 -4.15 -1.86
CA ALA A 162 -13.68 -5.15 -1.72
C ALA A 162 -13.24 -6.47 -2.36
N GLN A 163 -12.55 -6.39 -3.48
CA GLN A 163 -12.01 -7.55 -4.22
C GLN A 163 -10.77 -8.17 -3.56
N LEU A 164 -9.88 -7.38 -2.94
CA LEU A 164 -8.51 -7.87 -2.59
C LEU A 164 -8.33 -8.05 -1.07
N GLY A 165 -8.98 -7.22 -0.25
CA GLY A 165 -8.63 -7.10 1.17
C GLY A 165 -7.30 -6.39 1.32
N PHE A 166 -6.71 -6.49 2.51
CA PHE A 166 -5.43 -5.81 2.84
C PHE A 166 -4.27 -6.45 2.10
N PRO A 167 -3.15 -5.71 1.97
CA PRO A 167 -1.89 -6.30 1.51
C PRO A 167 -1.47 -7.35 2.53
N THR A 168 -0.78 -8.40 2.08
CA THR A 168 -0.14 -9.43 2.95
C THR A 168 1.38 -9.25 2.88
N GLY A 169 1.82 -8.22 2.16
CA GLY A 169 3.25 -7.89 2.06
C GLY A 169 3.44 -6.62 1.26
N ASN A 170 4.68 -6.17 1.16
CA ASN A 170 5.06 -4.95 0.41
C ASN A 170 5.25 -5.32 -1.07
N GLU A 171 5.41 -4.31 -1.92
CA GLU A 171 5.62 -4.54 -3.37
C GLU A 171 6.87 -5.37 -3.59
N LYS A 172 6.87 -6.27 -4.59
CA LYS A 172 8.07 -7.02 -4.99
C LYS A 172 8.43 -6.64 -6.42
N LEU A 173 9.65 -6.16 -6.67
CA LEU A 173 10.13 -5.92 -8.05
C LEU A 173 10.47 -7.26 -8.68
N ILE A 174 10.07 -7.49 -9.94
CA ILE A 174 10.39 -8.75 -10.66
C ILE A 174 10.88 -8.41 -12.07
N ASN A 175 11.43 -9.39 -12.76
CA ASN A 175 11.74 -9.30 -14.21
C ASN A 175 10.50 -8.80 -14.95
N GLY A 176 10.58 -7.61 -15.57
CA GLY A 176 9.51 -7.01 -16.39
C GLY A 176 8.67 -5.98 -15.64
N GLY A 177 8.71 -5.92 -14.31
CA GLY A 177 7.85 -4.97 -13.57
C GLY A 177 7.80 -5.25 -12.09
N ALA A 178 6.59 -5.41 -11.54
CA ALA A 178 6.36 -5.54 -10.08
C ALA A 178 5.02 -6.22 -9.84
N PHE A 179 4.84 -6.76 -8.64
CA PHE A 179 3.54 -7.29 -8.17
C PHE A 179 3.49 -7.17 -6.66
N GLN A 180 2.30 -7.34 -6.12
CA GLN A 180 2.06 -7.27 -4.67
C GLN A 180 0.95 -8.25 -4.31
N GLU A 181 1.04 -8.78 -3.11
CA GLU A 181 0.09 -9.82 -2.63
C GLU A 181 -0.87 -9.18 -1.64
N PHE A 182 -2.15 -9.55 -1.75
CA PHE A 182 -3.26 -9.11 -0.86
C PHE A 182 -4.01 -10.37 -0.37
N GLU A 183 -4.92 -10.19 0.59
N GLU A 183 -4.96 -10.22 0.54
CA GLU A 183 -5.70 -11.31 1.19
CA GLU A 183 -5.60 -11.39 1.20
C GLU A 183 -6.20 -12.24 0.08
C GLU A 183 -6.36 -12.25 0.18
N LYS A 184 -6.90 -11.67 -0.90
CA LYS A 184 -7.78 -12.42 -1.84
C LYS A 184 -7.23 -12.37 -3.28
N GLY A 185 -6.08 -11.74 -3.51
CA GLY A 185 -5.51 -11.76 -4.86
C GLY A 185 -4.26 -10.93 -4.93
N ASN A 186 -3.80 -10.66 -6.14
CA ASN A 186 -2.56 -9.90 -6.40
C ASN A 186 -2.86 -8.78 -7.37
N ILE A 187 -1.96 -7.79 -7.37
CA ILE A 187 -1.85 -6.78 -8.47
C ILE A 187 -0.47 -6.96 -9.12
N TYR A 188 -0.45 -6.95 -10.44
CA TYR A 188 0.74 -7.04 -11.30
C TYR A 188 0.84 -5.74 -12.08
N TRP A 189 2.06 -5.30 -12.36
CA TRP A 189 2.29 -4.08 -13.16
C TRP A 189 3.52 -4.27 -14.06
N SER A 190 3.42 -3.83 -15.31
CA SER A 190 4.59 -3.57 -16.17
C SER A 190 4.29 -2.27 -16.87
N ALA A 191 5.32 -1.59 -17.35
CA ALA A 191 5.14 -0.27 -18.00
C ALA A 191 4.19 -0.44 -19.18
N SER A 192 4.31 -1.54 -19.92
CA SER A 192 3.49 -1.78 -21.13
C SER A 192 2.05 -2.16 -20.76
N THR A 193 1.78 -2.79 -19.60
CA THR A 193 0.45 -3.40 -19.33
C THR A 193 -0.37 -2.58 -18.33
N GLY A 194 0.26 -1.75 -17.52
CA GLY A 194 -0.43 -1.10 -16.38
C GLY A 194 -0.66 -2.06 -15.24
N ALA A 195 -1.30 -1.59 -14.17
CA ALA A 195 -1.54 -2.34 -12.92
C ALA A 195 -2.90 -3.05 -13.04
N HIS A 196 -2.93 -4.36 -12.86
CA HIS A 196 -4.18 -5.13 -13.03
C HIS A 196 -4.30 -6.18 -11.95
N VAL A 197 -5.54 -6.49 -11.61
CA VAL A 197 -5.96 -7.28 -10.43
C VAL A 197 -6.25 -8.68 -10.93
N ILE A 198 -5.74 -9.69 -10.23
CA ILE A 198 -6.10 -11.12 -10.43
C ILE A 198 -6.38 -11.72 -9.06
N LEU A 199 -7.46 -12.49 -8.97
CA LEU A 199 -7.91 -13.08 -7.70
C LEU A 199 -7.24 -14.44 -7.53
N HIS A 200 -7.07 -14.89 -6.28
CA HIS A 200 -6.73 -16.30 -5.96
C HIS A 200 -7.83 -17.18 -6.55
N GLY A 201 -7.47 -18.35 -7.07
CA GLY A 201 -8.44 -19.35 -7.53
C GLY A 201 -8.00 -20.00 -8.84
N ASP A 202 -8.91 -20.67 -9.52
CA ASP A 202 -8.55 -21.62 -10.61
C ASP A 202 -7.94 -20.82 -11.78
N ILE A 203 -8.37 -19.61 -12.05
CA ILE A 203 -7.78 -18.82 -13.18
C ILE A 203 -6.33 -18.51 -12.82
N PHE A 204 -6.08 -18.10 -11.57
CA PHE A 204 -4.72 -17.80 -11.08
C PHE A 204 -3.82 -19.05 -11.18
N ASP A 205 -4.34 -20.20 -10.74
CA ASP A 205 -3.63 -21.51 -10.73
C ASP A 205 -3.33 -21.95 -12.16
N ALA A 206 -4.26 -21.75 -13.09
CA ALA A 206 -4.06 -22.10 -14.52
C ALA A 206 -2.91 -21.28 -15.11
N TRP A 207 -2.85 -20.01 -14.74
CA TRP A 207 -1.76 -19.09 -15.16
C TRP A 207 -0.45 -19.52 -14.48
N GLY A 208 -0.53 -19.87 -13.19
CA GLY A 208 0.61 -20.40 -12.41
C GLY A 208 1.24 -21.64 -13.04
N ALA A 209 0.43 -22.62 -13.43
CA ALA A 209 0.89 -23.82 -14.15
C ALA A 209 1.70 -23.40 -15.37
N LYS A 210 1.51 -22.22 -15.95
CA LYS A 210 2.32 -21.77 -17.13
C LYS A 210 3.33 -20.68 -16.73
N GLY A 211 3.65 -20.55 -15.44
CA GLY A 211 4.73 -19.68 -14.95
C GLY A 211 4.28 -18.25 -14.69
N TRP A 212 3.00 -18.03 -14.48
CA TRP A 212 2.45 -16.68 -14.23
C TRP A 212 3.07 -15.70 -15.24
N GLU A 213 3.50 -14.53 -14.76
CA GLU A 213 3.82 -13.36 -15.62
C GLU A 213 5.09 -13.62 -16.44
N GLN A 214 5.97 -14.54 -16.01
CA GLN A 214 7.25 -14.82 -16.71
C GLN A 214 7.01 -15.82 -17.85
N GLY A 215 5.87 -16.53 -17.81
CA GLY A 215 5.53 -17.60 -18.75
C GLY A 215 4.89 -17.05 -20.01
N GLU A 216 4.31 -17.92 -20.85
CA GLU A 216 3.90 -17.55 -22.24
C GLU A 216 2.71 -16.57 -22.26
N TYR A 217 1.87 -16.55 -21.24
CA TYR A 217 0.74 -15.59 -21.12
C TYR A 217 1.28 -14.16 -20.93
N GLY A 218 2.38 -14.04 -20.19
CA GLY A 218 2.92 -12.74 -19.78
C GLY A 218 2.02 -12.09 -18.74
N PHE A 219 2.08 -10.76 -18.65
CA PHE A 219 1.39 -9.96 -17.59
C PHE A 219 -0.11 -9.90 -17.86
N PRO A 220 -0.96 -9.77 -16.81
CA PRO A 220 -2.38 -9.44 -17.01
C PRO A 220 -2.54 -8.06 -17.67
N THR A 221 -3.40 -7.98 -18.69
CA THR A 221 -3.66 -6.72 -19.44
C THR A 221 -5.03 -6.15 -19.04
N SER A 222 -5.86 -6.96 -18.38
CA SER A 222 -7.17 -6.55 -17.87
C SER A 222 -7.23 -6.95 -16.40
N ASP A 223 -8.17 -6.38 -15.67
CA ASP A 223 -8.55 -6.85 -14.33
C ASP A 223 -9.36 -8.12 -14.54
N GLN A 224 -9.30 -9.05 -13.59
CA GLN A 224 -10.23 -10.19 -13.58
C GLN A 224 -11.61 -9.59 -13.42
N THR A 225 -12.56 -10.00 -14.24
CA THR A 225 -13.93 -9.45 -14.25
C THR A 225 -14.93 -10.62 -14.15
N ALA A 226 -15.94 -10.46 -13.31
CA ALA A 226 -17.08 -11.39 -13.19
C ALA A 226 -17.84 -11.36 -14.51
N ILE A 227 -18.43 -12.47 -14.91
CA ILE A 227 -19.38 -12.49 -16.06
C ILE A 227 -20.65 -13.18 -15.56
N THR A 228 -21.67 -13.26 -16.40
CA THR A 228 -23.01 -13.79 -16.03
C THR A 228 -22.88 -15.29 -15.78
N ALA A 229 -23.83 -15.86 -15.05
CA ALA A 229 -23.94 -17.31 -14.73
C ALA A 229 -22.71 -17.79 -13.95
N GLY A 230 -22.09 -16.91 -13.16
CA GLY A 230 -21.02 -17.25 -12.19
C GLY A 230 -19.61 -17.13 -12.75
N GLY A 231 -19.46 -16.89 -14.06
CA GLY A 231 -18.16 -16.97 -14.77
C GLY A 231 -17.15 -15.90 -14.34
N GLN A 232 -15.89 -16.10 -14.72
CA GLN A 232 -14.79 -15.11 -14.51
C GLN A 232 -13.93 -15.10 -15.77
N THR A 233 -13.28 -13.99 -16.05
CA THR A 233 -12.42 -13.91 -17.23
C THR A 233 -11.33 -12.87 -16.97
N ILE A 234 -10.17 -13.09 -17.59
CA ILE A 234 -9.05 -12.11 -17.54
C ILE A 234 -8.24 -12.25 -18.83
N ASP A 235 -7.68 -11.13 -19.28
CA ASP A 235 -6.77 -11.02 -20.43
C ASP A 235 -5.34 -10.89 -19.95
N PHE A 236 -4.42 -11.55 -20.66
CA PHE A 236 -2.97 -11.42 -20.48
C PHE A 236 -2.36 -10.92 -21.79
N GLN A 237 -1.08 -10.59 -21.79
CA GLN A 237 -0.41 -10.10 -23.03
C GLN A 237 -0.65 -11.12 -24.16
N ASN A 238 -0.48 -12.43 -23.95
CA ASN A 238 -0.46 -13.44 -25.04
C ASN A 238 -1.56 -14.50 -24.86
N GLY A 239 -2.67 -14.15 -24.23
CA GLY A 239 -3.86 -15.02 -24.21
C GLY A 239 -4.89 -14.59 -23.18
N THR A 240 -5.90 -15.44 -23.01
CA THR A 240 -7.07 -15.24 -22.13
C THR A 240 -7.35 -16.55 -21.42
N ILE A 241 -7.81 -16.45 -20.19
CA ILE A 241 -8.27 -17.61 -19.38
C ILE A 241 -9.63 -17.23 -18.82
N ARG A 242 -10.59 -18.15 -18.96
CA ARG A 242 -12.01 -18.00 -18.56
C ARG A 242 -12.36 -19.14 -17.61
N GLN A 243 -13.25 -18.88 -16.67
CA GLN A 243 -13.88 -19.96 -15.87
C GLN A 243 -15.38 -19.78 -16.03
N VAL A 244 -16.05 -20.85 -16.48
CA VAL A 244 -17.52 -20.86 -16.75
C VAL A 244 -18.03 -22.22 -16.30
N ASN A 245 -19.04 -22.25 -15.44
CA ASN A 245 -19.64 -23.51 -14.95
C ASN A 245 -18.50 -24.32 -14.29
N GLY A 246 -17.56 -23.64 -13.62
CA GLY A 246 -16.46 -24.26 -12.85
C GLY A 246 -15.44 -25.00 -13.72
N ARG A 247 -15.38 -24.68 -15.01
CA ARG A 247 -14.40 -25.26 -15.96
C ARG A 247 -13.47 -24.13 -16.41
N ILE A 248 -12.17 -24.41 -16.51
CA ILE A 248 -11.16 -23.44 -17.03
C ILE A 248 -11.11 -23.60 -18.54
N GLU A 249 -11.05 -22.48 -19.28
CA GLU A 249 -10.88 -22.45 -20.75
C GLU A 249 -9.73 -21.50 -21.06
N GLU A 250 -8.87 -21.87 -22.00
CA GLU A 250 -7.65 -21.10 -22.28
C GLU A 250 -7.56 -20.83 -23.78
N SER A 251 -7.04 -19.68 -24.14
CA SER A 251 -6.64 -19.36 -25.53
C SER A 251 -5.22 -18.81 -25.54
N ARG A 252 -4.43 -19.19 -26.55
CA ARG A 252 -3.13 -18.55 -26.87
C ARG A 252 -3.01 -18.36 -28.38
C1 GOL B . 9.55 24.14 12.08
O1 GOL B . 10.75 24.02 11.33
C2 GOL B . 8.38 23.55 11.33
O2 GOL B . 7.26 24.42 11.48
C3 GOL B . 8.01 22.15 11.79
O3 GOL B . 7.53 22.14 13.14
H11 GOL B . 9.37 25.09 12.26
H12 GOL B . 9.65 23.65 12.93
HO1 GOL B . 11.38 24.36 11.78
H2 GOL B . 8.61 23.50 10.36
HO2 GOL B . 6.62 23.96 11.80
H31 GOL B . 8.81 21.57 11.74
H32 GOL B . 7.30 21.79 11.21
HO3 GOL B . 7.55 22.94 13.43
C1 GOL C . 6.16 0.61 -8.64
O1 GOL C . 7.36 -0.15 -8.82
C2 GOL C . 5.03 0.07 -9.51
O2 GOL C . 3.81 -0.05 -8.78
C3 GOL C . 4.83 0.96 -10.71
O3 GOL C . 4.97 2.33 -10.33
H11 GOL C . 6.34 1.55 -8.88
H12 GOL C . 5.89 0.56 -7.70
HO1 GOL C . 7.96 0.19 -8.32
H2 GOL C . 5.28 -0.84 -9.82
HO2 GOL C . 3.22 0.42 -9.18
H31 GOL C . 3.93 0.81 -11.08
H32 GOL C . 5.51 0.74 -11.40
HO3 GOL C . 5.14 2.35 -9.50
#